data_8ARR
#
_entry.id   8ARR
#
_cell.length_a   81.577
_cell.length_b   111.964
_cell.length_c   62.269
_cell.angle_alpha   90.00
_cell.angle_beta   90.00
_cell.angle_gamma   90.00
#
_symmetry.space_group_name_H-M   'C 2 2 21'
#
loop_
_entity.id
_entity.type
_entity.pdbx_description
1 polymer '14-3-3 protein sigma'
2 polymer 'Estrogen receptor'
3 non-polymer 'MAGNESIUM ION'
4 non-polymer N-[[1-[4-azanyl-1-[(4-chlorophenyl)amino]cyclohexyl]carbonylpiperidin-4-yl]methyl]-2-chloranyl-ethanamide
5 water water
#
loop_
_entity_poly.entity_id
_entity_poly.type
_entity_poly.pdbx_seq_one_letter_code
_entity_poly.pdbx_strand_id
1 'polypeptide(L)'
;GAMGSMERASLIQKAKLAEQAERYEDMAAFMKGAVEKGEELSCEERNLLSVAYKNVVGGQRAAWRVLSSIEQKSNEEGSE
EKGPEVREYREKVETELQGVCDTVLGLLDSHLIKEAGDAESRVFYLKMKGDYYRYLAEVATGDDKKRIIDSARSAYQEAM
DISKKEMPPTNPIRLGLALNFSVFHYEIANSPEEAISLAKTTFDEAMADLHTLSEDSYKDSTLIMQLLRDNLTLWT
;
A
2 'polypeptide(L)' FPA(TPO)V B
#
loop_
_chem_comp.id
_chem_comp.type
_chem_comp.name
_chem_comp.formula
MG non-polymer 'MAGNESIUM ION' 'Mg 2'
NK6 non-polymer N-[[1-[4-azanyl-1-[(4-chlorophenyl)amino]cyclohexyl]carbonylpiperidin-4-yl]methyl]-2-chloranyl-ethanamide 'C21 H30 Cl2 N4 O2'
#
# COMPACT_ATOMS: atom_id res chain seq x y z
N GLY A 1 -11.87 20.48 -2.80
CA GLY A 1 -11.14 20.91 -1.56
C GLY A 1 -10.33 22.15 -1.82
N ALA A 2 -9.18 22.26 -1.16
CA ALA A 2 -8.22 23.34 -1.41
C ALA A 2 -7.76 23.34 -2.88
N MET A 3 -7.88 22.17 -3.54
CA MET A 3 -7.52 22.02 -4.94
C MET A 3 -8.65 22.17 -5.94
N GLY A 4 -9.88 22.44 -5.46
CA GLY A 4 -11.02 22.55 -6.33
C GLY A 4 -10.95 23.55 -7.47
N SER A 5 -10.16 24.63 -7.29
CA SER A 5 -10.01 25.61 -8.33
C SER A 5 -8.94 25.33 -9.35
N MET A 6 -8.12 24.28 -9.15
CA MET A 6 -7.04 23.97 -10.06
C MET A 6 -7.44 22.95 -11.08
N GLU A 7 -7.04 23.16 -12.33
CA GLU A 7 -7.32 22.24 -13.42
C GLU A 7 -6.76 20.86 -13.11
N ARG A 8 -7.50 19.84 -13.53
CA ARG A 8 -7.03 18.45 -13.38
C ARG A 8 -5.62 18.28 -13.98
N ALA A 9 -5.40 18.75 -15.20
CA ALA A 9 -4.15 18.53 -15.84
C ALA A 9 -3.01 19.23 -15.08
N SER A 10 -3.28 20.41 -14.52
CA SER A 10 -2.31 21.16 -13.74
C SER A 10 -1.97 20.45 -12.45
N LEU A 11 -2.96 19.82 -11.81
CA LEU A 11 -2.72 19.01 -10.64
C LEU A 11 -1.80 17.84 -10.93
N ILE A 12 -2.03 17.16 -12.04
CA ILE A 12 -1.17 16.05 -12.45
C ILE A 12 0.24 16.52 -12.75
N GLN A 13 0.35 17.64 -13.48
CA GLN A 13 1.65 18.20 -13.80
C GLN A 13 2.41 18.56 -12.53
N LYS A 14 1.71 19.20 -11.58
CA LYS A 14 2.35 19.58 -10.33
C LYS A 14 2.71 18.36 -9.48
N ALA A 15 1.89 17.30 -9.52
CA ALA A 15 2.25 16.08 -8.82
C ALA A 15 3.58 15.53 -9.31
N LYS A 16 3.78 15.59 -10.62
CA LYS A 16 5.04 15.12 -11.20
C LYS A 16 6.22 15.98 -10.80
N LEU A 17 6.01 17.30 -10.75
CA LEU A 17 7.04 18.20 -10.26
C LEU A 17 7.36 17.92 -8.79
N ALA A 18 6.33 17.73 -7.97
CA ALA A 18 6.51 17.48 -6.57
C ALA A 18 7.31 16.20 -6.39
N GLU A 19 7.03 15.18 -7.19
CA GLU A 19 7.81 13.96 -7.13
C GLU A 19 9.32 14.23 -7.41
N GLN A 20 9.61 15.01 -8.44
CA GLN A 20 11.01 15.31 -8.79
C GLN A 20 11.69 16.04 -7.65
N ALA A 21 10.93 16.87 -6.93
CA ALA A 21 11.42 17.69 -5.80
C ALA A 21 11.37 16.92 -4.46
N GLU A 22 10.94 15.66 -4.49
CA GLU A 22 10.75 14.83 -3.32
C GLU A 22 9.86 15.47 -2.25
N ARG A 23 8.83 16.18 -2.72
CA ARG A 23 7.81 16.88 -1.91
C ARG A 23 6.56 16.00 -1.89
N TYR A 24 6.61 14.91 -1.15
CA TYR A 24 5.57 13.85 -1.29
C TYR A 24 4.25 14.29 -0.65
N GLU A 25 4.27 15.10 0.40
CA GLU A 25 3.04 15.62 0.95
C GLU A 25 2.32 16.49 -0.08
N ASP A 26 3.06 17.35 -0.78
CA ASP A 26 2.46 18.13 -1.84
C ASP A 26 1.95 17.22 -2.94
N MET A 27 2.76 16.24 -3.31
CA MET A 27 2.39 15.31 -4.38
C MET A 27 1.06 14.64 -4.05
N ALA A 28 0.90 14.20 -2.80
CA ALA A 28 -0.32 13.57 -2.38
C ALA A 28 -1.51 14.51 -2.43
N ALA A 29 -1.33 15.76 -1.97
CA ALA A 29 -2.38 16.72 -2.03
C ALA A 29 -2.81 17.02 -3.46
N PHE A 30 -1.88 17.12 -4.39
CA PHE A 30 -2.21 17.32 -5.78
C PHE A 30 -2.99 16.13 -6.35
N MET A 31 -2.54 14.91 -6.04
CA MET A 31 -3.23 13.73 -6.55
C MET A 31 -4.61 13.58 -5.93
N LYS A 32 -4.78 13.88 -4.65
CA LYS A 32 -6.09 13.90 -4.02
C LYS A 32 -6.99 14.88 -4.78
N GLY A 33 -6.49 16.09 -5.08
CA GLY A 33 -7.23 17.03 -5.87
C GLY A 33 -7.64 16.41 -7.20
N ALA A 34 -6.71 15.75 -7.89
CA ALA A 34 -7.01 15.17 -9.17
C ALA A 34 -8.10 14.11 -9.05
N VAL A 35 -8.00 13.24 -8.06
CA VAL A 35 -9.03 12.23 -7.87
C VAL A 35 -10.38 12.86 -7.66
N GLU A 36 -10.41 13.93 -6.88
CA GLU A 36 -11.66 14.57 -6.54
C GLU A 36 -12.30 15.31 -7.72
N LYS A 37 -11.63 15.41 -8.87
CA LYS A 37 -12.31 15.87 -10.06
C LYS A 37 -13.36 14.91 -10.55
N GLY A 38 -13.31 13.67 -10.10
CA GLY A 38 -14.37 12.70 -10.35
C GLY A 38 -14.15 11.79 -11.55
N GLU A 39 -13.19 12.09 -12.40
CA GLU A 39 -12.88 11.26 -13.57
C GLU A 39 -12.03 10.07 -13.13
N GLU A 40 -12.13 8.97 -13.86
CA GLU A 40 -11.24 7.82 -13.64
C GLU A 40 -9.79 8.26 -13.87
N LEU A 41 -8.86 7.48 -13.30
CA LEU A 41 -7.45 7.73 -13.41
C LEU A 41 -6.86 6.80 -14.42
N SER A 42 -5.93 7.30 -15.23
CA SER A 42 -5.13 6.43 -16.06
C SER A 42 -4.10 5.63 -15.25
N CYS A 43 -3.41 4.69 -15.90
CA CYS A 43 -2.43 3.92 -15.23
C CYS A 43 -1.36 4.82 -14.59
N GLU A 44 -0.82 5.74 -15.38
CA GLU A 44 0.22 6.62 -14.90
C GLU A 44 -0.29 7.41 -13.72
N GLU A 45 -1.53 7.90 -13.77
CA GLU A 45 -2.10 8.69 -12.69
C GLU A 45 -2.32 7.87 -11.42
N ARG A 46 -2.75 6.62 -11.58
CA ARG A 46 -2.89 5.69 -10.44
C ARG A 46 -1.53 5.52 -9.78
N ASN A 47 -0.46 5.40 -10.55
CA ASN A 47 0.86 5.24 -9.99
C ASN A 47 1.35 6.48 -9.31
N LEU A 48 0.99 7.67 -9.79
CA LEU A 48 1.34 8.89 -9.08
C LEU A 48 0.64 8.92 -7.73
N LEU A 49 -0.63 8.57 -7.67
CA LEU A 49 -1.40 8.56 -6.44
C LEU A 49 -0.75 7.62 -5.44
N SER A 50 -0.43 6.39 -5.88
CA SER A 50 0.12 5.41 -4.99
C SER A 50 1.49 5.82 -4.50
N VAL A 51 2.35 6.33 -5.37
CA VAL A 51 3.69 6.75 -4.96
C VAL A 51 3.61 7.82 -3.88
N ALA A 52 2.74 8.79 -4.09
CA ALA A 52 2.65 9.93 -3.20
C ALA A 52 2.29 9.44 -1.81
N TYR A 53 1.17 8.73 -1.68
CA TYR A 53 0.69 8.29 -0.37
C TYR A 53 1.62 7.24 0.22
N LYS A 54 2.25 6.38 -0.58
CA LYS A 54 3.16 5.39 -0.03
C LYS A 54 4.30 6.08 0.70
N ASN A 55 4.82 7.15 0.11
CA ASN A 55 5.91 7.88 0.67
C ASN A 55 5.49 8.63 1.92
N VAL A 56 4.34 9.28 1.89
CA VAL A 56 3.84 9.98 3.08
C VAL A 56 3.65 8.99 4.22
N VAL A 57 2.88 7.93 4.00
CA VAL A 57 2.56 7.02 5.10
C VAL A 57 3.81 6.25 5.49
N GLY A 58 4.72 5.99 4.55
CA GLY A 58 5.93 5.28 4.86
C GLY A 58 6.78 6.03 5.88
N GLY A 59 6.86 7.33 5.70
CA GLY A 59 7.56 8.21 6.63
C GLY A 59 6.89 8.18 7.99
N GLN A 60 5.56 8.26 8.02
CA GLN A 60 4.80 8.20 9.27
C GLN A 60 5.02 6.86 9.98
N ARG A 61 4.98 5.77 9.25
CA ARG A 61 5.18 4.44 9.85
C ARG A 61 6.58 4.33 10.46
N ALA A 62 7.59 4.83 9.75
CA ALA A 62 8.93 4.74 10.27
C ALA A 62 9.00 5.53 11.58
N ALA A 63 8.41 6.73 11.61
CA ALA A 63 8.44 7.55 12.83
C ALA A 63 7.67 6.86 13.96
N TRP A 64 6.51 6.30 13.66
CA TRP A 64 5.71 5.61 14.64
C TRP A 64 6.49 4.47 15.27
N ARG A 65 7.25 3.75 14.45
CA ARG A 65 8.03 2.58 14.95
C ARG A 65 9.12 3.07 15.91
N VAL A 66 9.80 4.15 15.56
CA VAL A 66 10.82 4.73 16.45
C VAL A 66 10.19 5.07 17.79
N LEU A 67 9.05 5.76 17.75
CA LEU A 67 8.39 6.24 18.96
C LEU A 67 7.84 5.10 19.79
N SER A 68 7.27 4.09 19.13
CA SER A 68 6.73 2.92 19.80
C SER A 68 7.82 2.14 20.50
N SER A 69 8.98 2.02 19.86
CA SER A 69 10.14 1.36 20.47
C SER A 69 10.54 2.11 21.75
N ILE A 70 10.58 3.44 21.68
CA ILE A 70 11.01 4.25 22.83
C ILE A 70 9.99 4.07 23.94
N GLU A 71 8.71 4.05 23.59
CA GLU A 71 7.64 3.88 24.55
C GLU A 71 7.71 2.51 25.21
N GLN A 72 7.94 1.46 24.41
CA GLN A 72 8.03 0.09 24.94
C GLN A 72 9.18 -0.03 25.94
N LYS A 73 10.34 0.55 25.62
CA LYS A 73 11.50 0.57 26.52
C LYS A 73 11.20 1.31 27.82
N SER A 74 10.46 2.42 27.74
CA SER A 74 10.05 3.19 28.93
C SER A 74 9.13 2.42 29.88
N ASN A 75 8.45 1.39 29.37
CA ASN A 75 7.57 0.53 30.18
C ASN A 75 8.17 -0.81 30.61
N GLU A 76 9.50 -0.97 30.44
CA GLU A 76 10.20 -2.19 30.86
C GLU A 76 10.39 -2.23 32.37
N GLU A 80 13.23 4.51 34.14
CA GLU A 80 12.68 5.59 34.94
C GLU A 80 11.44 6.17 34.27
N GLU A 81 10.47 6.60 35.10
CA GLU A 81 9.24 7.23 34.65
C GLU A 81 9.58 8.60 34.09
N LYS A 82 9.24 8.85 32.83
CA LYS A 82 9.53 10.14 32.19
C LYS A 82 8.27 10.96 31.87
N GLY A 83 7.12 10.50 32.37
CA GLY A 83 5.85 11.19 32.21
C GLY A 83 5.11 10.78 30.94
N PRO A 84 4.06 11.52 30.57
CA PRO A 84 3.18 11.14 29.47
C PRO A 84 3.71 11.50 28.06
N GLU A 85 4.86 12.15 27.96
CA GLU A 85 5.23 12.79 26.68
C GLU A 85 5.47 11.79 25.56
N VAL A 86 6.10 10.66 25.88
CA VAL A 86 6.42 9.69 24.83
C VAL A 86 5.13 9.10 24.24
N ARG A 87 4.20 8.72 25.11
CA ARG A 87 2.88 8.21 24.69
C ARG A 87 2.16 9.31 23.92
N GLU A 88 2.15 10.55 24.42
CA GLU A 88 1.41 11.58 23.76
C GLU A 88 1.92 11.78 22.35
N TYR A 89 3.23 11.83 22.19
CA TYR A 89 3.81 12.14 20.87
C TYR A 89 3.62 10.94 19.93
N ARG A 90 3.76 9.72 20.43
CA ARG A 90 3.45 8.51 19.63
C ARG A 90 1.99 8.60 19.19
N GLU A 91 1.07 8.97 20.07
CA GLU A 91 -0.32 9.14 19.73
C GLU A 91 -0.55 10.18 18.69
N LYS A 92 0.20 11.28 18.74
CA LYS A 92 0.08 12.35 17.75
C LYS A 92 0.44 11.83 16.38
N VAL A 93 1.59 11.17 16.27
CA VAL A 93 2.03 10.60 15.00
C VAL A 93 1.06 9.54 14.54
N GLU A 94 0.57 8.73 15.45
CA GLU A 94 -0.39 7.68 15.13
C GLU A 94 -1.67 8.27 14.56
N THR A 95 -2.17 9.35 15.16
CA THR A 95 -3.42 9.95 14.73
C THR A 95 -3.24 10.55 13.33
N GLU A 96 -2.08 11.16 13.06
CA GLU A 96 -1.81 11.68 11.75
C GLU A 96 -1.74 10.58 10.71
N LEU A 97 -1.07 9.47 11.06
CA LEU A 97 -1.04 8.28 10.21
C LEU A 97 -2.43 7.79 9.88
N GLN A 98 -3.27 7.63 10.89
CA GLN A 98 -4.59 7.14 10.71
C GLN A 98 -5.36 8.06 9.82
N GLY A 99 -5.12 9.37 9.93
CA GLY A 99 -5.80 10.35 9.11
C GLY A 99 -5.43 10.19 7.65
N VAL A 100 -4.17 9.96 7.35
CA VAL A 100 -3.72 9.74 5.99
C VAL A 100 -4.38 8.45 5.45
N CYS A 101 -4.41 7.38 6.24
CA CYS A 101 -5.01 6.16 5.79
C CYS A 101 -6.48 6.38 5.50
N ASP A 102 -7.19 7.08 6.38
CA ASP A 102 -8.59 7.35 6.19
C ASP A 102 -8.83 8.18 4.93
N THR A 103 -7.92 9.10 4.65
CA THR A 103 -8.02 9.90 3.43
C THR A 103 -7.92 9.00 2.19
N VAL A 104 -6.93 8.11 2.14
CA VAL A 104 -6.75 7.26 0.98
C VAL A 104 -7.96 6.31 0.86
N LEU A 105 -8.39 5.70 1.98
CA LEU A 105 -9.50 4.79 1.93
C LEU A 105 -10.74 5.53 1.47
N GLY A 106 -10.86 6.79 1.87
CA GLY A 106 -11.98 7.60 1.43
C GLY A 106 -11.99 7.85 -0.05
N LEU A 107 -10.84 8.10 -0.64
CA LEU A 107 -10.75 8.23 -2.08
C LEU A 107 -11.12 6.98 -2.81
N LEU A 108 -10.66 5.84 -2.29
CA LEU A 108 -10.98 4.56 -2.88
C LEU A 108 -12.48 4.29 -2.82
N ASP A 109 -13.12 4.63 -1.71
CA ASP A 109 -14.54 4.38 -1.52
C ASP A 109 -15.43 5.40 -2.21
N SER A 110 -14.88 6.57 -2.53
CA SER A 110 -15.65 7.69 -3.06
C SER A 110 -14.82 8.38 -4.14
N HIS A 111 -14.72 7.79 -5.35
CA HIS A 111 -15.46 6.64 -5.84
C HIS A 111 -14.60 5.80 -6.75
N LEU A 112 -13.32 5.66 -6.43
CA LEU A 112 -12.42 5.04 -7.37
C LEU A 112 -12.74 3.56 -7.64
N ILE A 113 -12.98 2.78 -6.59
CA ILE A 113 -13.21 1.36 -6.73
C ILE A 113 -14.48 1.08 -7.53
N LYS A 114 -15.57 1.78 -7.19
CA LYS A 114 -16.85 1.45 -7.82
C LYS A 114 -16.86 1.76 -9.29
N GLU A 115 -16.01 2.68 -9.75
CA GLU A 115 -15.94 2.97 -11.19
C GLU A 115 -14.91 2.16 -11.93
N ALA A 116 -14.12 1.35 -11.21
CA ALA A 116 -13.01 0.62 -11.82
C ALA A 116 -13.48 -0.74 -12.30
N GLY A 117 -13.63 -0.86 -13.62
CA GLY A 117 -14.13 -2.06 -14.27
C GLY A 117 -13.10 -2.95 -14.90
N ASP A 118 -11.97 -2.37 -15.29
CA ASP A 118 -10.93 -3.16 -15.90
C ASP A 118 -10.13 -3.80 -14.80
N ALA A 119 -9.65 -5.02 -15.02
CA ALA A 119 -8.94 -5.73 -13.98
C ALA A 119 -7.75 -4.96 -13.46
N GLU A 120 -7.00 -4.30 -14.34
CA GLU A 120 -5.77 -3.66 -13.92
C GLU A 120 -6.08 -2.54 -12.94
N SER A 121 -7.16 -1.78 -13.17
CA SER A 121 -7.47 -0.67 -12.29
C SER A 121 -8.10 -1.20 -11.01
N ARG A 122 -9.04 -2.13 -11.13
CA ARG A 122 -9.78 -2.63 -9.95
C ARG A 122 -8.84 -3.37 -9.01
N VAL A 123 -7.94 -4.21 -9.53
CA VAL A 123 -6.97 -4.90 -8.67
C VAL A 123 -6.04 -3.89 -7.97
N PHE A 124 -5.57 -2.90 -8.74
CA PHE A 124 -4.68 -1.91 -8.16
C PHE A 124 -5.34 -1.22 -6.97
N TYR A 125 -6.59 -0.78 -7.13
CA TYR A 125 -7.30 -0.04 -6.06
C TYR A 125 -7.62 -0.95 -4.88
N LEU A 126 -8.03 -2.19 -5.14
CA LEU A 126 -8.28 -3.12 -4.05
C LEU A 126 -7.02 -3.45 -3.28
N LYS A 127 -5.90 -3.57 -3.99
CA LYS A 127 -4.59 -3.74 -3.33
C LYS A 127 -4.33 -2.54 -2.41
N MET A 128 -4.56 -1.33 -2.91
CA MET A 128 -4.34 -0.15 -2.09
C MET A 128 -5.26 -0.17 -0.85
N LYS A 129 -6.51 -0.57 -1.04
CA LYS A 129 -7.42 -0.67 0.09
C LYS A 129 -6.84 -1.62 1.14
N GLY A 130 -6.36 -2.79 0.70
CA GLY A 130 -5.74 -3.73 1.61
C GLY A 130 -4.52 -3.13 2.32
N ASP A 131 -3.68 -2.42 1.56
CA ASP A 131 -2.49 -1.81 2.10
C ASP A 131 -2.85 -0.82 3.22
N TYR A 132 -3.80 0.08 2.98
CA TYR A 132 -4.08 1.17 3.95
C TYR A 132 -4.84 0.60 5.15
N TYR A 133 -5.66 -0.44 5.00
CA TYR A 133 -6.19 -1.14 6.20
C TYR A 133 -5.07 -1.85 6.94
N ARG A 134 -4.07 -2.37 6.21
CA ARG A 134 -2.91 -3.02 6.85
C ARG A 134 -2.17 -1.98 7.70
N TYR A 135 -1.95 -0.77 7.19
CA TYR A 135 -1.25 0.26 8.00
C TYR A 135 -2.11 0.62 9.20
N LEU A 136 -3.43 0.71 9.08
CA LEU A 136 -4.28 0.90 10.26
C LEU A 136 -4.11 -0.24 11.25
N ALA A 137 -4.00 -1.47 10.74
CA ALA A 137 -3.84 -2.64 11.61
C ALA A 137 -2.55 -2.63 12.36
N GLU A 138 -1.49 -2.07 11.78
CA GLU A 138 -0.20 -2.02 12.43
C GLU A 138 -0.25 -1.26 13.74
N VAL A 139 -1.15 -0.27 13.84
CA VAL A 139 -1.21 0.59 15.02
C VAL A 139 -2.44 0.34 15.86
N ALA A 140 -3.33 -0.56 15.44
CA ALA A 140 -4.57 -0.84 16.14
C ALA A 140 -4.29 -1.70 17.36
N THR A 141 -4.93 -1.34 18.47
CA THR A 141 -4.78 -2.04 19.76
C THR A 141 -6.09 -2.27 20.50
N GLY A 142 -7.20 -1.84 19.92
CA GLY A 142 -8.50 -1.84 20.57
C GLY A 142 -9.52 -2.81 19.99
N ASP A 143 -10.80 -2.45 20.22
CA ASP A 143 -12.00 -3.26 19.92
C ASP A 143 -12.17 -3.58 18.44
N ASP A 144 -11.70 -2.66 17.58
CA ASP A 144 -11.88 -2.77 16.14
C ASP A 144 -10.72 -3.44 15.41
N LYS A 145 -9.69 -3.86 16.14
CA LYS A 145 -8.49 -4.43 15.54
C LYS A 145 -8.85 -5.60 14.62
N LYS A 146 -9.68 -6.53 15.10
CA LYS A 146 -10.03 -7.69 14.28
C LYS A 146 -10.74 -7.27 13.04
N ARG A 147 -11.64 -6.29 13.12
CA ARG A 147 -12.43 -5.85 11.95
C ARG A 147 -11.48 -5.13 10.97
N ILE A 148 -10.51 -4.36 11.48
CA ILE A 148 -9.57 -3.66 10.59
C ILE A 148 -8.76 -4.72 9.83
N ILE A 149 -8.26 -5.75 10.54
CA ILE A 149 -7.53 -6.82 9.91
C ILE A 149 -8.37 -7.52 8.88
N ASP A 150 -9.63 -7.77 9.19
CA ASP A 150 -10.47 -8.42 8.23
C ASP A 150 -10.78 -7.57 7.01
N SER A 151 -10.89 -6.26 7.18
CA SER A 151 -11.08 -5.37 6.07
C SER A 151 -9.88 -5.45 5.11
N ALA A 152 -8.67 -5.46 5.67
CA ALA A 152 -7.49 -5.61 4.81
C ALA A 152 -7.57 -6.95 4.05
N ARG A 153 -7.81 -8.02 4.79
CA ARG A 153 -7.86 -9.38 4.22
C ARG A 153 -8.90 -9.42 3.10
N SER A 154 -10.08 -8.85 3.32
CA SER A 154 -11.15 -8.95 2.37
C SER A 154 -10.80 -8.20 1.08
N ALA A 155 -10.19 -7.03 1.20
CA ALA A 155 -9.80 -6.25 0.04
C ALA A 155 -8.71 -6.99 -0.77
N TYR A 156 -7.70 -7.48 -0.07
CA TYR A 156 -6.61 -8.27 -0.71
C TYR A 156 -7.21 -9.50 -1.38
N GLN A 157 -8.15 -10.17 -0.73
CA GLN A 157 -8.68 -11.42 -1.30
C GLN A 157 -9.49 -11.14 -2.54
N GLU A 158 -10.31 -10.08 -2.55
CA GLU A 158 -11.04 -9.72 -3.76
C GLU A 158 -10.08 -9.41 -4.92
N ALA A 159 -9.01 -8.67 -4.61
CA ALA A 159 -7.99 -8.34 -5.60
C ALA A 159 -7.34 -9.61 -6.13
N MET A 160 -7.01 -10.54 -5.24
CA MET A 160 -6.37 -11.81 -5.63
C MET A 160 -7.29 -12.58 -6.54
N ASP A 161 -8.57 -12.64 -6.19
CA ASP A 161 -9.50 -13.43 -6.99
C ASP A 161 -9.57 -12.86 -8.42
N ILE A 162 -9.69 -11.54 -8.57
CA ILE A 162 -9.74 -10.93 -9.90
C ILE A 162 -8.43 -11.13 -10.62
N SER A 163 -7.32 -10.94 -9.91
CA SER A 163 -6.00 -11.05 -10.57
C SER A 163 -5.77 -12.45 -11.13
N LYS A 164 -6.18 -13.49 -10.42
CA LYS A 164 -5.94 -14.83 -10.87
C LYS A 164 -6.80 -15.17 -12.06
N LYS A 165 -7.98 -14.58 -12.16
CA LYS A 165 -8.86 -14.81 -13.29
C LYS A 165 -8.46 -14.03 -14.54
N GLU A 166 -7.97 -12.80 -14.35
CA GLU A 166 -7.88 -11.79 -15.42
C GLU A 166 -6.49 -11.39 -15.87
N MET A 167 -5.47 -11.72 -15.09
CA MET A 167 -4.11 -11.29 -15.37
C MET A 167 -3.14 -12.45 -15.42
N PRO A 168 -2.08 -12.35 -16.26
CA PRO A 168 -1.08 -13.40 -16.26
C PRO A 168 -0.27 -13.37 -14.98
N PRO A 169 0.35 -14.50 -14.61
CA PRO A 169 1.09 -14.59 -13.36
C PRO A 169 2.30 -13.65 -13.30
N THR A 170 2.77 -13.12 -14.43
CA THR A 170 3.87 -12.17 -14.39
C THR A 170 3.44 -10.70 -14.32
N ASN A 171 2.13 -10.43 -14.39
CA ASN A 171 1.68 -9.06 -14.40
C ASN A 171 2.21 -8.37 -13.15
N PRO A 172 2.88 -7.21 -13.24
CA PRO A 172 3.44 -6.55 -12.07
C PRO A 172 2.42 -6.21 -10.96
N ILE A 173 1.19 -5.92 -11.36
CA ILE A 173 0.16 -5.61 -10.36
C ILE A 173 -0.18 -6.85 -9.60
N ARG A 174 -0.37 -7.95 -10.31
CA ARG A 174 -0.62 -9.27 -9.68
C ARG A 174 0.54 -9.63 -8.75
N LEU A 175 1.77 -9.47 -9.20
CA LEU A 175 2.92 -9.76 -8.36
C LEU A 175 3.01 -8.87 -7.10
N GLY A 176 2.76 -7.58 -7.28
CA GLY A 176 2.86 -6.66 -6.15
C GLY A 176 1.77 -6.90 -5.12
N LEU A 177 0.57 -7.21 -5.61
CA LEU A 177 -0.51 -7.59 -4.74
C LEU A 177 -0.11 -8.79 -3.89
N ALA A 178 0.40 -9.84 -4.54
CA ALA A 178 0.79 -11.05 -3.83
C ALA A 178 1.89 -10.79 -2.83
N LEU A 179 2.89 -9.99 -3.22
CA LEU A 179 3.94 -9.59 -2.31
C LEU A 179 3.35 -8.98 -1.02
N ASN A 180 2.47 -8.01 -1.20
CA ASN A 180 1.92 -7.27 -0.06
C ASN A 180 0.94 -8.13 0.77
N PHE A 181 0.13 -8.97 0.11
CA PHE A 181 -0.76 -9.86 0.83
C PHE A 181 0.03 -10.87 1.62
N SER A 182 1.17 -11.33 1.08
CA SER A 182 2.02 -12.27 1.79
C SER A 182 2.55 -11.59 3.04
N VAL A 183 2.98 -10.32 2.92
CA VAL A 183 3.42 -9.56 4.09
C VAL A 183 2.30 -9.38 5.13
N PHE A 184 1.10 -9.08 4.65
CA PHE A 184 -0.08 -9.05 5.52
C PHE A 184 -0.14 -10.36 6.35
N HIS A 185 -0.08 -11.51 5.66
CA HIS A 185 -0.15 -12.77 6.37
C HIS A 185 0.90 -12.91 7.42
N TYR A 186 2.13 -12.53 7.09
CA TYR A 186 3.28 -12.71 8.00
C TYR A 186 3.19 -11.75 9.19
N GLU A 187 2.94 -10.48 8.94
CA GLU A 187 3.11 -9.44 9.94
C GLU A 187 1.84 -9.10 10.68
N ILE A 188 0.69 -9.26 10.03
CA ILE A 188 -0.58 -8.81 10.59
C ILE A 188 -1.46 -9.97 11.05
N ALA A 189 -1.58 -11.02 10.22
CA ALA A 189 -2.51 -12.12 10.47
C ALA A 189 -1.88 -13.27 11.26
N ASN A 190 -0.61 -13.14 11.62
CA ASN A 190 0.08 -14.20 12.38
C ASN A 190 0.00 -15.53 11.66
N SER A 191 0.22 -15.49 10.35
CA SER A 191 0.07 -16.64 9.47
C SER A 191 1.33 -16.76 8.64
N PRO A 192 2.50 -17.00 9.25
CA PRO A 192 3.74 -17.07 8.47
C PRO A 192 3.72 -18.20 7.43
N GLU A 193 3.11 -19.35 7.69
CA GLU A 193 3.08 -20.39 6.69
C GLU A 193 2.30 -19.96 5.48
N GLU A 194 1.17 -19.27 5.65
CA GLU A 194 0.40 -18.74 4.54
C GLU A 194 1.22 -17.73 3.74
N ALA A 195 1.95 -16.88 4.46
CA ALA A 195 2.80 -15.89 3.82
C ALA A 195 3.86 -16.51 2.90
N ILE A 196 4.52 -17.53 3.44
CA ILE A 196 5.57 -18.23 2.71
C ILE A 196 4.96 -19.00 1.54
N SER A 197 3.86 -19.70 1.72
CA SER A 197 3.23 -20.44 0.62
C SER A 197 2.83 -19.50 -0.49
N LEU A 198 2.23 -18.35 -0.14
CA LEU A 198 1.81 -17.40 -1.16
C LEU A 198 3.01 -16.84 -1.91
N ALA A 199 4.05 -16.43 -1.20
CA ALA A 199 5.21 -15.90 -1.89
C ALA A 199 5.85 -16.93 -2.83
N LYS A 200 5.98 -18.16 -2.35
CA LYS A 200 6.63 -19.20 -3.15
C LYS A 200 5.78 -19.54 -4.38
N THR A 201 4.48 -19.76 -4.21
CA THR A 201 3.62 -20.10 -5.33
C THR A 201 3.61 -18.97 -6.37
N THR A 202 3.55 -17.73 -5.88
CA THR A 202 3.52 -16.58 -6.78
C THR A 202 4.83 -16.54 -7.59
N PHE A 203 5.97 -16.71 -6.91
CA PHE A 203 7.28 -16.69 -7.57
C PHE A 203 7.34 -17.77 -8.64
N ASP A 204 6.96 -18.99 -8.30
CA ASP A 204 7.13 -20.13 -9.19
C ASP A 204 6.20 -20.02 -10.40
N GLU A 205 4.99 -19.52 -10.21
CA GLU A 205 4.07 -19.38 -11.31
C GLU A 205 4.52 -18.26 -12.24
N ALA A 206 5.13 -17.23 -11.67
CA ALA A 206 5.67 -16.17 -12.49
C ALA A 206 6.87 -16.65 -13.30
N MET A 207 7.78 -17.38 -12.67
CA MET A 207 8.94 -17.94 -13.34
C MET A 207 8.54 -18.65 -14.62
N ALA A 208 7.50 -19.47 -14.53
CA ALA A 208 7.05 -20.27 -15.64
C ALA A 208 6.39 -19.52 -16.76
N ASP A 209 6.09 -18.22 -16.55
CA ASP A 209 5.44 -17.41 -17.57
C ASP A 209 6.39 -16.33 -18.15
N LEU A 210 7.60 -16.21 -17.60
CA LEU A 210 8.56 -15.24 -18.08
C LEU A 210 8.87 -15.38 -19.59
N HIS A 211 8.80 -16.62 -20.10
CA HIS A 211 9.13 -16.91 -21.51
C HIS A 211 8.27 -16.14 -22.48
N THR A 212 7.09 -15.68 -22.04
CA THR A 212 6.13 -14.99 -22.88
C THR A 212 6.44 -13.52 -23.03
N LEU A 213 7.38 -12.98 -22.28
CA LEU A 213 7.56 -11.55 -22.11
C LEU A 213 8.63 -10.94 -22.99
N SER A 214 8.42 -9.67 -23.35
CA SER A 214 9.48 -8.86 -23.92
C SER A 214 10.56 -8.60 -22.89
N GLU A 215 11.69 -8.04 -23.34
CA GLU A 215 12.78 -7.68 -22.46
C GLU A 215 12.31 -6.66 -21.41
N ASP A 216 11.50 -5.68 -21.82
CA ASP A 216 11.10 -4.67 -20.86
C ASP A 216 10.12 -5.24 -19.82
N SER A 217 9.16 -6.05 -20.27
CA SER A 217 8.22 -6.69 -19.34
C SER A 217 8.96 -7.61 -18.37
N TYR A 218 9.93 -8.34 -18.89
CA TYR A 218 10.79 -9.25 -18.10
C TYR A 218 11.46 -8.46 -16.98
N LYS A 219 12.01 -7.29 -17.29
CA LYS A 219 12.69 -6.51 -16.28
C LYS A 219 11.71 -6.11 -15.15
N ASP A 220 10.52 -5.66 -15.53
CA ASP A 220 9.50 -5.26 -14.56
C ASP A 220 9.11 -6.42 -13.65
N SER A 221 8.81 -7.57 -14.26
CA SER A 221 8.34 -8.72 -13.51
C SER A 221 9.41 -9.28 -12.59
N THR A 222 10.63 -9.43 -13.11
CA THR A 222 11.68 -10.00 -12.33
C THR A 222 12.09 -9.14 -11.15
N LEU A 223 11.93 -7.82 -11.27
CA LEU A 223 12.26 -6.96 -10.14
C LEU A 223 11.37 -7.31 -8.94
N ILE A 224 10.07 -7.46 -9.19
CA ILE A 224 9.14 -7.78 -8.10
C ILE A 224 9.34 -9.21 -7.65
N MET A 225 9.66 -10.13 -8.57
CA MET A 225 9.98 -11.49 -8.16
C MET A 225 11.14 -11.55 -7.18
N GLN A 226 12.14 -10.69 -7.38
CA GLN A 226 13.25 -10.62 -6.47
C GLN A 226 12.82 -10.19 -5.07
N LEU A 227 11.85 -9.28 -4.99
CA LEU A 227 11.30 -8.86 -3.70
C LEU A 227 10.63 -10.05 -2.99
N LEU A 228 9.89 -10.88 -3.75
CA LEU A 228 9.32 -12.09 -3.18
C LEU A 228 10.40 -12.98 -2.60
N ARG A 229 11.46 -13.18 -3.39
CA ARG A 229 12.60 -14.03 -2.96
C ARG A 229 13.26 -13.42 -1.72
N ASP A 230 13.42 -12.09 -1.70
CA ASP A 230 14.03 -11.42 -0.56
C ASP A 230 13.24 -11.70 0.72
N ASN A 231 11.91 -11.62 0.63
CA ASN A 231 11.06 -11.91 1.79
C ASN A 231 11.17 -13.34 2.21
N LEU A 232 11.12 -14.24 1.23
CA LEU A 232 11.30 -15.68 1.51
C LEU A 232 12.61 -15.98 2.23
N THR A 233 13.68 -15.29 1.81
CA THR A 233 14.98 -15.44 2.47
C THR A 233 14.95 -14.95 3.90
N LEU A 234 14.27 -13.83 4.12
CA LEU A 234 14.08 -13.30 5.45
C LEU A 234 13.31 -14.27 6.37
N TRP A 235 12.37 -15.01 5.79
CA TRP A 235 11.40 -15.79 6.56
C TRP A 235 11.72 -17.26 6.76
N THR A 236 12.71 -17.76 6.03
CA THR A 236 13.05 -19.18 6.04
C THR A 236 14.54 -19.39 6.35
N PHE B 1 12.70 -5.14 7.94
CA PHE B 1 11.25 -5.02 7.60
C PHE B 1 11.01 -5.49 6.17
N PRO B 2 9.97 -6.32 5.91
CA PRO B 2 9.89 -7.01 4.63
C PRO B 2 9.49 -6.07 3.50
N ALA B 3 9.78 -6.46 2.27
CA ALA B 3 9.51 -5.68 1.11
C ALA B 3 8.04 -5.67 0.76
N TPO B 4 7.53 -4.48 0.47
CA TPO B 4 6.20 -4.24 -0.11
CB TPO B 4 5.17 -3.84 0.97
CG2 TPO B 4 4.92 -4.95 1.98
OG1 TPO B 4 5.73 -2.68 1.64
P TPO B 4 4.84 -1.78 2.63
O1P TPO B 4 5.67 -0.50 2.69
O2P TPO B 4 4.76 -2.48 3.96
O3P TPO B 4 3.51 -1.59 2.01
C TPO B 4 6.29 -3.19 -1.21
O TPO B 4 7.25 -2.39 -1.20
N VAL B 5 5.32 -3.19 -2.11
CA VAL B 5 5.31 -2.19 -3.16
C VAL B 5 4.07 -1.40 -3.25
MG MG C . -3.63 -20.66 -2.30
MG MG D . -4.47 5.98 19.27
C1 NK6 E . 9.60 -0.07 -7.99
C2 NK6 E . 8.98 0.75 -9.11
C3 NK6 E . 7.48 0.91 -8.90
C4 NK6 E . 6.73 -0.45 -8.76
C5 NK6 E . 4.35 -1.01 -8.07
C6 NK6 E . 4.35 -2.33 -8.58
C7 NK6 E . 3.23 -3.13 -8.42
C8 NK6 E . 2.12 -2.62 -7.77
C9 NK6 E . 2.10 -1.34 -7.26
C10 NK6 E . 3.22 -0.55 -7.39
C11 NK6 E . 6.58 -1.13 -10.13
C12 NK6 E . 5.73 -1.24 -12.45
C13 NK6 E . 4.32 -1.69 -12.73
C14 NK6 E . 3.33 -0.53 -12.62
C15 NK6 E . 1.91 -1.07 -12.76
C16 NK6 E . -0.13 0.08 -13.40
C17 NK6 E . -1.00 0.81 -14.41
C18 NK6 E . 3.52 0.22 -11.31
C19 NK6 E . 4.97 0.59 -11.07
C20 NK6 E . 7.44 -1.36 -7.73
C21 NK6 E . 8.95 -1.45 -7.93
N1 NK6 E . 11.06 -0.18 -8.20
N2 NK6 E . 5.42 -0.12 -8.19
CL1 NK6 E . 0.72 -3.63 -7.54
O1 NK6 E . 7.19 -2.16 -10.37
N3 NK6 E . 5.82 -0.62 -11.12
N4 NK6 E . 1.10 -0.33 -13.71
O2 NK6 E . -0.61 -0.13 -12.30
#